data_6PDA
#
_entry.id   6PDA
#
_cell.length_a   45.925
_cell.length_b   56.214
_cell.length_c   122.279
_cell.angle_alpha   90.00
_cell.angle_beta   90.00
_cell.angle_gamma   90.00
#
_symmetry.space_group_name_H-M   'P 21 21 21'
#
loop_
_entity.id
_entity.type
_entity.pdbx_description
1 polymer 'Histone acetyltransferase KAT8'
2 non-polymer 'ZINC ION'
3 non-polymer 'SODIUM ION'
4 non-polymer GLYCEROL
5 non-polymer 'SULFATE ION'
6 non-polymer "2-fluoro-3-methyl-N'-(phenylsulfonyl)-5-(pyridin-2-yl)benzohydrazide"
7 water water
#
_entity_poly.entity_id   1
_entity_poly.type   'polypeptide(L)'
_entity_poly.pdbx_seq_one_letter_code
;KYVDKIHIGNYEIDAWYFSPFPEDYGKQPKLWLCEYCLKYMKYEKSYRFHLGQCQWRQPPGKEIYRKSNISVHEVDGKDH
KIYCQNLCLLAKLFLDH(ALY)TLYFDVEPFVFYILTEVDRQGAHIVGYFSKEKESPDGNNVSCIMILPPYQRRGYGRFL
IAFSYELSKLESTVGSPEKPLSDLGKLSYRSYWSSVLLENLRDFRGTLSIKDLSQMTSITQNDIISTLQSLNMVKYWKGQ
HVICVTPKLVEEHLKSAQYKKPPITVDSVCLKWAPP
;
_entity_poly.pdbx_strand_id   A
#
loop_
_chem_comp.id
_chem_comp.type
_chem_comp.name
_chem_comp.formula
GOL non-polymer GLYCEROL 'C3 H8 O3'
NA non-polymer 'SODIUM ION' 'Na 1'
O9J non-polymer 2-fluoro-3-methyl-N'-(phenylsulfonyl)-5-(pyridin-2-yl)benzohydrazide 'C19 H16 F N3 O3 S'
SO4 non-polymer 'SULFATE ION' 'O4 S -2'
ZN non-polymer 'ZINC ION' 'Zn 2'
#
# COMPACT_ATOMS: atom_id res chain seq x y z
N LYS A 1 -25.11 -15.74 4.83
CA LYS A 1 -24.96 -14.49 4.09
C LYS A 1 -23.73 -13.75 4.56
N TYR A 2 -23.01 -13.12 3.62
CA TYR A 2 -21.78 -12.40 3.94
C TYR A 2 -21.98 -10.90 3.82
N VAL A 3 -21.10 -10.17 4.49
CA VAL A 3 -20.97 -8.74 4.21
C VAL A 3 -20.77 -8.52 2.72
N ASP A 4 -21.63 -7.70 2.12
CA ASP A 4 -21.44 -7.40 0.71
C ASP A 4 -21.43 -5.91 0.40
N LYS A 5 -21.68 -5.07 1.39
CA LYS A 5 -21.72 -3.63 1.20
C LYS A 5 -21.29 -2.98 2.51
N ILE A 6 -20.45 -1.96 2.44
CA ILE A 6 -20.09 -1.18 3.62
C ILE A 6 -20.32 0.30 3.36
N HIS A 7 -20.54 1.02 4.46
CA HIS A 7 -20.55 2.47 4.48
C HIS A 7 -19.42 2.94 5.39
N ILE A 8 -18.47 3.65 4.81
CA ILE A 8 -17.32 4.16 5.54
C ILE A 8 -17.15 5.63 5.15
N GLY A 9 -17.07 6.51 6.14
CA GLY A 9 -17.09 7.92 5.87
C GLY A 9 -18.28 8.29 5.01
N ASN A 10 -18.02 8.90 3.85
CA ASN A 10 -19.09 9.30 2.94
C ASN A 10 -19.22 8.37 1.74
N TYR A 11 -18.60 7.19 1.79
CA TYR A 11 -18.67 6.23 0.70
C TYR A 11 -19.49 5.01 1.06
N GLU A 12 -20.25 4.54 0.07
CA GLU A 12 -20.75 3.18 0.03
C GLU A 12 -19.84 2.39 -0.90
N ILE A 13 -19.46 1.18 -0.50
CA ILE A 13 -18.55 0.36 -1.28
C ILE A 13 -19.04 -1.08 -1.27
N ASP A 14 -19.15 -1.68 -2.44
CA ASP A 14 -19.46 -3.09 -2.58
C ASP A 14 -18.23 -3.94 -2.30
N ALA A 15 -18.46 -5.07 -1.64
CA ALA A 15 -17.40 -6.04 -1.36
C ALA A 15 -16.96 -6.80 -2.62
N TRP A 16 -15.74 -7.31 -2.56
CA TRP A 16 -15.19 -8.17 -3.61
C TRP A 16 -15.03 -9.60 -3.15
N TYR A 17 -14.90 -9.83 -1.85
CA TYR A 17 -14.53 -11.14 -1.34
C TYR A 17 -15.18 -11.37 0.00
N PHE A 18 -15.18 -12.62 0.44
CA PHE A 18 -15.65 -12.92 1.77
C PHE A 18 -14.67 -12.38 2.80
N SER A 19 -15.20 -11.73 3.84
CA SER A 19 -14.34 -11.33 4.96
C SER A 19 -14.95 -11.86 6.25
N PRO A 20 -14.17 -12.44 7.11
CA PRO A 20 -14.71 -13.19 8.27
C PRO A 20 -15.16 -12.34 9.44
N PHE A 21 -15.98 -11.31 9.15
CA PHE A 21 -16.67 -10.64 10.24
C PHE A 21 -17.52 -11.66 10.98
N PRO A 22 -17.82 -11.41 12.26
CA PRO A 22 -18.72 -12.32 12.99
C PRO A 22 -20.02 -12.60 12.24
N GLU A 23 -20.69 -13.72 12.58
CA GLU A 23 -21.82 -14.20 11.78
C GLU A 23 -22.98 -13.20 11.77
N ASP A 24 -23.23 -12.53 12.90
CA ASP A 24 -24.36 -11.61 13.00
C ASP A 24 -24.15 -10.32 12.22
N TYR A 25 -22.89 -9.94 12.00
CA TYR A 25 -22.59 -8.78 11.16
C TYR A 25 -22.82 -9.08 9.68
N GLY A 26 -22.31 -10.23 9.20
CA GLY A 26 -22.53 -10.63 7.82
C GLY A 26 -24.00 -10.60 7.41
N LYS A 27 -24.89 -11.10 8.29
CA LYS A 27 -26.30 -11.17 7.97
C LYS A 27 -26.89 -9.82 7.58
N GLN A 28 -26.28 -8.72 8.02
CA GLN A 28 -26.91 -7.43 7.77
C GLN A 28 -26.87 -7.06 6.30
N PRO A 29 -27.80 -6.23 5.85
CA PRO A 29 -27.70 -5.69 4.48
C PRO A 29 -26.40 -4.95 4.24
N LYS A 30 -25.92 -4.15 5.21
CA LYS A 30 -24.58 -3.60 5.09
C LYS A 30 -23.95 -3.34 6.46
N LEU A 31 -22.63 -3.17 6.44
CA LEU A 31 -21.86 -2.81 7.62
C LEU A 31 -21.51 -1.35 7.57
N TRP A 32 -21.51 -0.72 8.72
CA TRP A 32 -21.19 0.70 8.86
C TRP A 32 -19.88 0.80 9.64
N LEU A 33 -18.91 1.51 9.07
CA LEU A 33 -17.57 1.59 9.65
C LEU A 33 -17.21 3.02 9.97
N CYS A 34 -16.78 3.25 11.20
CA CYS A 34 -16.21 4.54 11.53
C CYS A 34 -14.92 4.68 10.75
N GLU A 35 -14.75 5.79 10.02
CA GLU A 35 -13.59 5.94 9.16
C GLU A 35 -12.31 6.25 9.93
N TYR A 36 -12.42 6.59 11.21
CA TYR A 36 -11.29 6.98 12.04
C TYR A 36 -10.77 5.88 12.95
N CYS A 37 -11.67 5.20 13.69
CA CYS A 37 -11.28 4.12 14.59
C CYS A 37 -11.56 2.73 14.03
N LEU A 38 -12.30 2.64 12.92
CA LEU A 38 -12.59 1.41 12.19
C LEU A 38 -13.54 0.47 12.93
N LYS A 39 -14.19 0.95 14.00
CA LYS A 39 -15.30 0.18 14.56
C LYS A 39 -16.35 -0.12 13.50
N TYR A 40 -16.79 -1.37 13.44
CA TYR A 40 -17.82 -1.77 12.48
C TYR A 40 -19.14 -1.97 13.20
N MET A 41 -20.22 -1.57 12.54
CA MET A 41 -21.52 -1.49 13.20
C MET A 41 -22.58 -2.06 12.29
N LYS A 42 -23.68 -2.49 12.91
CA LYS A 42 -24.75 -3.20 12.20
C LYS A 42 -25.84 -2.28 11.68
N TYR A 43 -26.00 -1.10 12.26
CA TYR A 43 -27.16 -0.24 11.99
C TYR A 43 -26.70 1.18 11.74
N GLU A 44 -27.48 1.88 10.90
CA GLU A 44 -27.24 3.30 10.69
C GLU A 44 -27.42 4.09 11.98
N LYS A 45 -28.35 3.69 12.83
CA LYS A 45 -28.54 4.41 14.10
C LYS A 45 -27.32 4.28 15.02
N SER A 46 -26.84 3.07 15.23
CA SER A 46 -25.65 2.95 16.06
C SER A 46 -24.46 3.65 15.40
N TYR A 47 -24.41 3.64 14.07
CA TYR A 47 -23.36 4.36 13.36
C TYR A 47 -23.49 5.86 13.61
N ARG A 48 -24.70 6.39 13.47
CA ARG A 48 -24.88 7.82 13.66
C ARG A 48 -24.58 8.22 15.10
N PHE A 49 -24.99 7.42 16.07
CA PHE A 49 -24.64 7.73 17.45
C PHE A 49 -23.12 7.69 17.66
N HIS A 50 -22.42 6.76 17.03
CA HIS A 50 -20.97 6.70 17.18
C HIS A 50 -20.31 7.94 16.59
N LEU A 51 -20.75 8.38 15.41
CA LEU A 51 -20.16 9.58 14.81
C LEU A 51 -20.28 10.78 15.75
N GLY A 52 -21.40 10.91 16.45
CA GLY A 52 -21.51 11.94 17.48
C GLY A 52 -20.53 11.77 18.64
N GLN A 53 -20.19 10.53 18.97
CA GLN A 53 -19.36 10.25 20.14
C GLN A 53 -17.87 10.17 19.84
N CYS A 54 -17.48 9.58 18.71
CA CYS A 54 -16.07 9.21 18.52
C CYS A 54 -15.19 10.46 18.52
N GLN A 55 -14.15 10.41 19.35
CA GLN A 55 -13.26 11.55 19.42
C GLN A 55 -12.04 11.39 18.52
N TRP A 56 -11.82 10.18 17.97
CA TRP A 56 -10.79 9.99 16.96
C TRP A 56 -11.06 10.84 15.72
N ARG A 57 -10.02 11.49 15.22
CA ARG A 57 -10.10 12.17 13.93
C ARG A 57 -8.94 11.78 13.03
N GLN A 58 -8.26 10.68 13.35
CA GLN A 58 -7.08 10.24 12.60
C GLN A 58 -6.69 8.86 13.12
N PRO A 59 -5.88 8.12 12.35
CA PRO A 59 -5.43 6.79 12.81
C PRO A 59 -4.67 6.89 14.12
N PRO A 60 -4.60 5.81 14.87
CA PRO A 60 -3.70 5.79 16.04
C PRO A 60 -2.26 5.66 15.61
N GLY A 61 -1.37 5.36 16.56
CA GLY A 61 0.04 5.23 16.25
C GLY A 61 0.67 6.59 16.00
N LYS A 62 1.84 6.57 15.37
CA LYS A 62 2.62 7.78 15.15
C LYS A 62 2.53 8.23 13.69
N GLU A 63 2.31 9.54 13.50
CA GLU A 63 2.36 10.15 12.17
C GLU A 63 3.80 10.22 11.69
N ILE A 64 4.26 9.24 10.91
CA ILE A 64 5.64 9.24 10.44
C ILE A 64 5.82 9.90 9.06
N TYR A 65 4.76 10.41 8.45
CA TYR A 65 4.89 11.18 7.22
C TYR A 65 3.77 12.19 7.16
N ARG A 66 4.13 13.41 6.79
CA ARG A 66 3.14 14.45 6.58
C ARG A 66 3.71 15.46 5.59
N LYS A 67 3.06 15.59 4.46
CA LYS A 67 3.36 16.67 3.53
C LYS A 67 2.04 17.18 2.96
N SER A 68 1.77 18.45 3.20
CA SER A 68 0.48 19.07 2.90
C SER A 68 -0.57 18.19 3.59
N ASN A 69 -1.60 17.74 2.88
CA ASN A 69 -2.68 16.99 3.47
C ASN A 69 -2.53 15.48 3.25
N ILE A 70 -1.32 15.02 2.97
CA ILE A 70 -1.06 13.59 2.82
C ILE A 70 -0.27 13.15 4.04
N SER A 71 -0.72 12.06 4.66
CA SER A 71 -0.20 11.65 5.94
C SER A 71 -0.11 10.13 6.00
N VAL A 72 0.95 9.60 6.63
CA VAL A 72 1.08 8.17 6.89
C VAL A 72 1.21 7.96 8.39
N HIS A 73 0.41 7.05 8.92
CA HIS A 73 0.48 6.68 10.32
C HIS A 73 1.03 5.27 10.41
N GLU A 74 1.95 5.07 11.35
CA GLU A 74 2.53 3.78 11.62
C GLU A 74 1.90 3.24 12.91
N VAL A 75 1.40 2.01 12.85
CA VAL A 75 0.56 1.42 13.90
C VAL A 75 1.07 0.02 14.15
N ASP A 76 1.57 -0.21 15.36
CA ASP A 76 2.09 -1.51 15.71
C ASP A 76 0.92 -2.44 16.01
N GLY A 77 0.96 -3.63 15.46
CA GLY A 77 -0.10 -4.60 15.73
C GLY A 77 -0.27 -4.95 17.20
N LYS A 78 0.84 -5.03 17.96
CA LYS A 78 0.68 -5.41 19.35
C LYS A 78 0.16 -4.26 20.20
N ASP A 79 0.47 -3.02 19.83
CA ASP A 79 0.01 -1.89 20.62
C ASP A 79 -1.44 -1.51 20.35
N HIS A 80 -1.98 -1.84 19.17
CA HIS A 80 -3.31 -1.36 18.77
C HIS A 80 -4.06 -2.51 18.09
N LYS A 81 -4.44 -3.51 18.88
CA LYS A 81 -4.82 -4.81 18.33
C LYS A 81 -6.22 -4.77 17.72
N ILE A 82 -7.20 -4.23 18.45
CA ILE A 82 -8.56 -4.10 17.91
C ILE A 82 -8.52 -3.34 16.59
N TYR A 83 -7.88 -2.17 16.59
CA TYR A 83 -7.86 -1.33 15.40
C TYR A 83 -7.30 -2.07 14.19
N CYS A 84 -6.20 -2.80 14.40
CA CYS A 84 -5.54 -3.50 13.31
C CYS A 84 -6.34 -4.71 12.83
N GLN A 85 -7.03 -5.39 13.74
CA GLN A 85 -7.96 -6.44 13.34
C GLN A 85 -9.06 -5.89 12.45
N ASN A 86 -9.66 -4.77 12.85
CA ASN A 86 -10.68 -4.12 12.04
C ASN A 86 -10.13 -3.76 10.67
N LEU A 87 -8.94 -3.19 10.65
CA LEU A 87 -8.29 -2.87 9.37
C LEU A 87 -8.20 -4.12 8.49
N CYS A 88 -7.82 -5.25 9.09
CA CYS A 88 -7.64 -6.47 8.31
C CYS A 88 -8.94 -7.01 7.76
N LEU A 89 -10.00 -7.00 8.59
CA LEU A 89 -11.32 -7.40 8.13
C LEU A 89 -11.81 -6.50 7.02
N LEU A 90 -11.52 -5.20 7.12
CA LEU A 90 -11.87 -4.27 6.06
C LEU A 90 -11.10 -4.60 4.79
N ALA A 91 -9.82 -4.93 4.93
CA ALA A 91 -8.97 -5.19 3.78
C ALA A 91 -9.32 -6.50 3.08
N LYS A 92 -9.78 -7.49 3.85
CA LYS A 92 -10.10 -8.79 3.28
C LYS A 92 -11.36 -8.74 2.42
N LEU A 93 -12.18 -7.70 2.59
CA LEU A 93 -13.27 -7.47 1.66
C LEU A 93 -12.80 -7.21 0.25
N PHE A 94 -11.56 -6.75 0.06
CA PHE A 94 -11.05 -6.41 -1.27
C PHE A 94 -9.80 -7.18 -1.63
N LEU A 95 -9.36 -8.09 -0.76
CA LEU A 95 -8.16 -8.89 -0.99
C LEU A 95 -8.54 -10.34 -0.94
N ASP A 96 -8.36 -11.02 -2.06
CA ASP A 96 -8.62 -12.44 -2.14
C ASP A 96 -7.64 -13.23 -1.29
N HIS A 97 -6.36 -12.91 -1.39
CA HIS A 97 -5.33 -13.81 -0.90
C HIS A 97 -4.91 -13.54 0.54
OH ALY A 98 -2.70 -6.97 5.96
CH ALY A 98 -2.84 -8.01 6.65
CH3 ALY A 98 -1.73 -8.53 7.52
NZ ALY A 98 -4.01 -8.74 6.68
CE ALY A 98 -5.20 -8.41 5.95
CD ALY A 98 -5.27 -8.97 4.54
CG ALY A 98 -5.23 -10.48 4.48
CB ALY A 98 -5.57 -10.83 3.05
CA ALY A 98 -5.04 -12.19 2.53
N ALY A 98 -5.34 -12.43 1.13
C ALY A 98 -5.68 -13.29 3.39
O ALY A 98 -6.80 -13.74 3.19
N THR A 99 -4.92 -13.76 4.38
CA THR A 99 -5.40 -14.90 5.20
C THR A 99 -5.38 -14.62 6.70
N LEU A 100 -4.73 -13.55 7.11
CA LEU A 100 -4.48 -13.29 8.51
C LEU A 100 -5.17 -12.00 8.92
N TYR A 101 -6.12 -12.10 9.88
CA TYR A 101 -6.97 -11.00 10.32
C TYR A 101 -6.87 -10.71 11.81
N PHE A 102 -6.79 -11.75 12.64
CA PHE A 102 -6.88 -11.57 14.08
C PHE A 102 -5.52 -11.67 14.76
N ASP A 103 -4.55 -12.33 14.13
CA ASP A 103 -3.18 -12.38 14.65
C ASP A 103 -2.38 -11.23 14.06
N VAL A 104 -2.56 -10.04 14.63
CA VAL A 104 -1.97 -8.84 14.08
C VAL A 104 -0.67 -8.44 14.76
N GLU A 105 -0.29 -9.14 15.82
CA GLU A 105 0.92 -8.77 16.59
C GLU A 105 2.19 -8.78 15.78
N PRO A 106 2.41 -9.69 14.83
CA PRO A 106 3.69 -9.66 14.11
C PRO A 106 3.79 -8.59 13.03
N PHE A 107 2.77 -7.74 12.86
CA PHE A 107 2.75 -6.77 11.77
C PHE A 107 2.76 -5.34 12.28
N VAL A 108 3.29 -4.48 11.44
CA VAL A 108 3.12 -3.04 11.55
C VAL A 108 2.32 -2.57 10.34
N PHE A 109 1.46 -1.58 10.55
CA PHE A 109 0.51 -1.14 9.54
C PHE A 109 0.75 0.33 9.23
N TYR A 110 0.77 0.67 7.93
CA TYR A 110 1.05 2.02 7.46
C TYR A 110 -0.21 2.52 6.78
N ILE A 111 -0.85 3.51 7.39
CA ILE A 111 -2.18 3.96 7.02
C ILE A 111 -2.04 5.27 6.26
N LEU A 112 -2.51 5.28 5.02
CA LEU A 112 -2.51 6.50 4.20
C LEU A 112 -3.80 7.28 4.41
N THR A 113 -3.68 8.57 4.74
CA THR A 113 -4.85 9.42 4.91
C THR A 113 -4.71 10.70 4.11
N GLU A 114 -5.86 11.17 3.62
CA GLU A 114 -6.05 12.49 3.03
C GLU A 114 -6.74 13.39 4.05
N VAL A 115 -6.10 14.50 4.42
CA VAL A 115 -6.60 15.33 5.51
C VAL A 115 -7.40 16.49 4.94
N ASP A 116 -8.49 16.86 5.63
CA ASP A 116 -9.16 18.15 5.46
C ASP A 116 -9.53 18.74 6.82
N ARG A 117 -10.40 19.74 6.83
CA ARG A 117 -10.74 20.41 8.09
C ARG A 117 -11.38 19.46 9.10
N GLN A 118 -12.07 18.42 8.64
CA GLN A 118 -12.73 17.55 9.60
C GLN A 118 -11.88 16.39 10.08
N GLY A 119 -10.82 16.01 9.37
CA GLY A 119 -10.00 14.93 9.86
C GLY A 119 -9.16 14.28 8.78
N ALA A 120 -8.48 13.21 9.19
CA ALA A 120 -7.60 12.45 8.30
C ALA A 120 -8.36 11.22 7.81
N HIS A 121 -8.84 11.29 6.57
CA HIS A 121 -9.69 10.26 5.99
C HIS A 121 -8.87 9.12 5.39
N ILE A 122 -9.22 7.89 5.75
CA ILE A 122 -8.43 6.74 5.37
C ILE A 122 -8.59 6.44 3.88
N VAL A 123 -7.46 6.19 3.22
CA VAL A 123 -7.40 5.92 1.80
C VAL A 123 -7.01 4.48 1.52
N GLY A 124 -6.07 3.95 2.31
CA GLY A 124 -5.55 2.62 2.11
C GLY A 124 -4.43 2.36 3.11
N TYR A 125 -3.78 1.21 2.97
CA TYR A 125 -2.73 0.87 3.91
C TYR A 125 -1.85 -0.21 3.29
N PHE A 126 -0.70 -0.42 3.91
CA PHE A 126 0.00 -1.68 3.73
C PHE A 126 0.49 -2.18 5.07
N SER A 127 0.49 -3.49 5.20
CA SER A 127 1.09 -4.18 6.33
C SER A 127 2.49 -4.66 5.97
N LYS A 128 3.25 -5.00 7.00
CA LYS A 128 4.65 -5.35 6.87
C LYS A 128 5.04 -6.21 8.07
N GLU A 129 5.71 -7.32 7.80
CA GLU A 129 6.13 -8.19 8.90
C GLU A 129 7.30 -7.55 9.63
N LYS A 130 7.24 -7.57 10.97
CA LYS A 130 8.28 -6.95 11.78
C LYS A 130 9.64 -7.53 11.47
N GLU A 131 9.73 -8.83 11.33
CA GLU A 131 10.92 -9.47 10.80
C GLU A 131 10.45 -10.41 9.69
N SER A 132 10.80 -10.06 8.46
CA SER A 132 10.42 -10.89 7.32
C SER A 132 11.58 -11.78 6.90
N PRO A 133 11.50 -13.10 7.12
CA PRO A 133 12.62 -13.95 6.70
C PRO A 133 12.86 -13.91 5.21
N ASP A 134 11.79 -13.92 4.41
CA ASP A 134 11.84 -13.92 2.96
C ASP A 134 12.15 -12.56 2.38
N GLY A 135 12.42 -11.57 3.22
CA GLY A 135 12.70 -10.24 2.75
C GLY A 135 11.56 -9.63 1.95
N ASN A 136 10.37 -9.56 2.53
CA ASN A 136 9.25 -8.86 1.93
C ASN A 136 9.01 -7.55 2.68
N ASN A 137 9.05 -6.42 1.98
CA ASN A 137 8.85 -5.12 2.60
C ASN A 137 7.37 -4.68 2.57
N VAL A 138 6.51 -5.47 1.96
CA VAL A 138 5.06 -5.32 2.01
C VAL A 138 4.49 -6.72 2.12
N SER A 139 3.56 -6.89 3.05
CA SER A 139 2.79 -8.12 3.18
C SER A 139 1.46 -8.02 2.43
N CYS A 140 0.59 -7.08 2.81
CA CYS A 140 -0.62 -6.78 2.05
C CYS A 140 -0.73 -5.29 1.83
N ILE A 141 -1.18 -4.90 0.64
CA ILE A 141 -1.35 -3.51 0.29
C ILE A 141 -2.70 -3.36 -0.39
N MET A 142 -3.44 -2.32 -0.01
CA MET A 142 -4.86 -2.24 -0.34
C MET A 142 -5.24 -0.77 -0.42
N ILE A 143 -5.71 -0.34 -1.57
CA ILE A 143 -6.32 0.97 -1.74
C ILE A 143 -7.83 0.75 -1.81
N LEU A 144 -8.59 1.51 -1.03
CA LEU A 144 -10.05 1.37 -1.10
C LEU A 144 -10.51 1.75 -2.51
N PRO A 145 -11.52 1.08 -3.04
CA PRO A 145 -11.91 1.24 -4.46
C PRO A 145 -12.10 2.69 -4.90
N PRO A 146 -12.80 3.55 -4.15
CA PRO A 146 -12.96 4.94 -4.64
C PRO A 146 -11.64 5.69 -4.81
N TYR A 147 -10.55 5.19 -4.24
CA TYR A 147 -9.28 5.87 -4.34
C TYR A 147 -8.33 5.19 -5.30
N GLN A 148 -8.73 4.05 -5.86
CA GLN A 148 -7.88 3.28 -6.74
C GLN A 148 -7.66 4.00 -8.06
N ARG A 149 -6.49 3.71 -8.67
CA ARG A 149 -6.07 4.30 -9.94
C ARG A 149 -5.97 5.81 -9.87
N ARG A 150 -5.53 6.34 -8.73
CA ARG A 150 -5.46 7.80 -8.59
C ARG A 150 -4.14 8.27 -8.01
N GLY A 151 -3.13 7.41 -7.97
CA GLY A 151 -1.84 7.78 -7.45
C GLY A 151 -1.56 7.41 -6.02
N TYR A 152 -2.59 7.01 -5.25
CA TYR A 152 -2.37 6.67 -3.84
C TYR A 152 -1.64 5.35 -3.72
N GLY A 153 -1.99 4.36 -4.53
CA GLY A 153 -1.31 3.08 -4.50
C GLY A 153 0.16 3.23 -4.86
N ARG A 154 0.44 3.99 -5.92
CA ARG A 154 1.81 4.32 -6.28
C ARG A 154 2.53 4.99 -5.12
N PHE A 155 1.86 5.93 -4.46
CA PHE A 155 2.46 6.57 -3.29
C PHE A 155 2.87 5.52 -2.28
N LEU A 156 1.96 4.59 -1.96
CA LEU A 156 2.24 3.62 -0.91
C LEU A 156 3.36 2.67 -1.32
N ILE A 157 3.43 2.33 -2.62
CA ILE A 157 4.54 1.51 -3.11
C ILE A 157 5.87 2.23 -2.92
N ALA A 158 5.94 3.49 -3.36
CA ALA A 158 7.16 4.27 -3.22
C ALA A 158 7.54 4.37 -1.76
N PHE A 159 6.54 4.54 -0.90
CA PHE A 159 6.77 4.64 0.54
C PHE A 159 7.37 3.35 1.11
N SER A 160 6.88 2.18 0.68
CA SER A 160 7.41 0.94 1.23
C SER A 160 8.89 0.80 0.89
N TYR A 161 9.30 1.35 -0.25
CA TYR A 161 10.68 1.29 -0.71
C TYR A 161 11.55 2.33 -0.02
N GLU A 162 10.97 3.50 0.30
CA GLU A 162 11.71 4.48 1.07
C GLU A 162 12.06 3.93 2.45
N LEU A 163 11.16 3.13 3.03
CA LEU A 163 11.47 2.45 4.29
C LEU A 163 12.57 1.42 4.09
N SER A 164 12.50 0.66 2.99
CA SER A 164 13.53 -0.33 2.71
C SER A 164 14.90 0.33 2.52
N LYS A 165 14.93 1.50 1.90
CA LYS A 165 16.17 2.27 1.80
C LYS A 165 16.71 2.61 3.18
N LEU A 166 15.87 3.19 4.03
CA LEU A 166 16.30 3.59 5.37
C LEU A 166 16.79 2.41 6.18
N GLU A 167 16.31 1.20 5.87
CA GLU A 167 16.78 -0.01 6.52
C GLU A 167 18.00 -0.61 5.84
N SER A 168 18.51 0.02 4.77
CA SER A 168 19.68 -0.47 4.05
C SER A 168 19.46 -1.89 3.49
N THR A 169 18.22 -2.19 3.10
CA THR A 169 17.90 -3.49 2.52
C THR A 169 17.14 -3.35 1.21
N VAL A 170 17.02 -4.49 0.51
CA VAL A 170 16.11 -4.60 -0.61
C VAL A 170 14.87 -5.35 -0.13
N GLY A 171 13.76 -5.11 -0.81
CA GLY A 171 12.51 -5.81 -0.49
C GLY A 171 11.63 -5.97 -1.71
N SER A 172 10.66 -6.88 -1.56
CA SER A 172 9.69 -7.19 -2.60
C SER A 172 8.35 -7.46 -1.94
N PRO A 173 7.23 -7.15 -2.62
CA PRO A 173 5.93 -7.46 -2.03
C PRO A 173 5.73 -8.95 -1.91
N GLU A 174 5.09 -9.37 -0.81
CA GLU A 174 4.70 -10.76 -0.68
C GLU A 174 3.71 -11.15 -1.78
N LYS A 175 3.87 -12.34 -2.32
CA LYS A 175 3.07 -12.87 -3.42
C LYS A 175 2.07 -13.90 -2.89
N PRO A 176 0.95 -14.12 -3.59
CA PRO A 176 0.56 -13.53 -4.87
C PRO A 176 0.00 -12.12 -4.72
N LEU A 177 0.16 -11.34 -5.77
CA LEU A 177 -0.42 -10.02 -5.84
C LEU A 177 -1.75 -10.10 -6.57
N SER A 178 -2.66 -9.19 -6.22
CA SER A 178 -3.87 -9.00 -7.01
C SER A 178 -3.52 -8.57 -8.42
N ASP A 179 -4.49 -8.73 -9.31
CA ASP A 179 -4.33 -8.26 -10.68
C ASP A 179 -3.94 -6.78 -10.70
N LEU A 180 -4.55 -5.97 -9.83
CA LEU A 180 -4.30 -4.54 -9.77
C LEU A 180 -2.99 -4.22 -9.07
N GLY A 181 -2.60 -5.05 -8.11
CA GLY A 181 -1.29 -4.90 -7.50
C GLY A 181 -0.16 -5.26 -8.45
N LYS A 182 -0.33 -6.33 -9.24
CA LYS A 182 0.67 -6.66 -10.26
C LYS A 182 0.89 -5.48 -11.19
N LEU A 183 -0.18 -4.95 -11.77
CA LEU A 183 -0.02 -3.85 -12.69
C LEU A 183 0.58 -2.64 -12.00
N SER A 184 0.17 -2.39 -10.76
CA SER A 184 0.70 -1.23 -10.08
C SER A 184 2.19 -1.35 -9.82
N TYR A 185 2.66 -2.53 -9.41
CA TYR A 185 4.09 -2.69 -9.14
C TYR A 185 4.90 -2.63 -10.43
N ARG A 186 4.41 -3.30 -11.48
CA ARG A 186 5.11 -3.27 -12.76
C ARG A 186 5.26 -1.86 -13.27
N SER A 187 4.20 -1.07 -13.12
CA SER A 187 4.24 0.30 -13.62
C SER A 187 5.21 1.14 -12.81
N TYR A 188 5.21 0.92 -11.49
CA TYR A 188 6.11 1.65 -10.60
C TYR A 188 7.56 1.26 -10.85
N TRP A 189 7.83 -0.04 -10.99
CA TRP A 189 9.20 -0.49 -11.22
C TRP A 189 9.74 0.10 -12.52
N SER A 190 8.93 0.03 -13.58
CA SER A 190 9.30 0.66 -14.84
C SER A 190 9.68 2.12 -14.65
N SER A 191 8.74 2.92 -14.13
CA SER A 191 8.93 4.34 -13.86
C SER A 191 10.27 4.64 -13.19
N VAL A 192 10.51 3.99 -12.07
CA VAL A 192 11.69 4.25 -11.26
C VAL A 192 12.95 3.87 -12.03
N LEU A 193 12.95 2.68 -12.64
CA LEU A 193 14.16 2.17 -13.30
C LEU A 193 14.46 2.96 -14.57
N LEU A 194 13.42 3.31 -15.32
CA LEU A 194 13.60 4.13 -16.51
C LEU A 194 14.13 5.51 -16.12
N GLU A 195 13.62 6.08 -15.03
CA GLU A 195 14.08 7.41 -14.65
C GLU A 195 15.55 7.38 -14.25
N ASN A 196 15.98 6.33 -13.57
CA ASN A 196 17.38 6.23 -13.18
C ASN A 196 18.28 5.97 -14.39
N LEU A 197 17.84 5.11 -15.31
CA LEU A 197 18.59 4.88 -16.54
C LEU A 197 18.72 6.13 -17.39
N ARG A 198 17.73 7.03 -17.33
CA ARG A 198 17.84 8.29 -18.05
C ARG A 198 18.74 9.29 -17.33
N ASP A 199 18.83 9.22 -16.00
CA ASP A 199 19.58 10.21 -15.24
C ASP A 199 21.06 9.84 -14.97
N LEU A 204 25.65 2.20 -15.01
CA LEU A 204 24.68 1.61 -14.08
C LEU A 204 24.41 0.13 -14.32
N SER A 205 24.81 -0.69 -13.35
CA SER A 205 24.55 -2.12 -13.40
C SER A 205 23.21 -2.44 -12.75
N ILE A 206 22.86 -3.73 -12.76
CA ILE A 206 21.65 -4.17 -12.10
C ILE A 206 21.81 -4.11 -10.58
N LYS A 207 23.02 -4.38 -10.09
CA LYS A 207 23.29 -4.24 -8.66
C LYS A 207 23.21 -2.78 -8.21
N ASP A 208 23.64 -1.86 -9.08
CA ASP A 208 23.55 -0.44 -8.74
C ASP A 208 22.09 0.03 -8.63
N LEU A 209 21.28 -0.27 -9.65
CA LEU A 209 19.86 0.03 -9.61
C LEU A 209 19.23 -0.53 -8.34
N SER A 210 19.61 -1.75 -7.97
CA SER A 210 19.04 -2.38 -6.79
C SER A 210 19.38 -1.61 -5.53
N GLN A 211 20.63 -1.21 -5.37
CA GLN A 211 21.01 -0.44 -4.19
C GLN A 211 20.40 0.96 -4.20
N MET A 212 20.27 1.57 -5.38
CA MET A 212 19.71 2.91 -5.44
C MET A 212 18.22 2.93 -5.15
N THR A 213 17.51 1.83 -5.43
CA THR A 213 16.05 1.81 -5.40
C THR A 213 15.44 0.89 -4.34
N SER A 214 16.22 -0.03 -3.75
CA SER A 214 15.76 -1.08 -2.86
C SER A 214 14.84 -2.09 -3.55
N ILE A 215 14.62 -1.97 -4.86
CA ILE A 215 14.01 -3.05 -5.63
C ILE A 215 14.99 -4.20 -5.71
N THR A 216 14.48 -5.43 -5.51
CA THR A 216 15.33 -6.60 -5.63
C THR A 216 15.82 -6.73 -7.06
N GLN A 217 16.84 -7.57 -7.25
CA GLN A 217 17.37 -7.75 -8.59
C GLN A 217 16.45 -8.57 -9.46
N ASN A 218 15.79 -9.57 -8.87
CA ASN A 218 14.80 -10.32 -9.60
C ASN A 218 13.73 -9.38 -10.16
N ASP A 219 13.26 -8.45 -9.34
CA ASP A 219 12.19 -7.55 -9.80
C ASP A 219 12.72 -6.61 -10.88
N ILE A 220 13.94 -6.13 -10.72
CA ILE A 220 14.59 -5.29 -11.72
C ILE A 220 14.74 -6.03 -13.04
N ILE A 221 15.33 -7.22 -12.98
CA ILE A 221 15.54 -8.01 -14.19
C ILE A 221 14.22 -8.30 -14.90
N SER A 222 13.23 -8.81 -14.17
CA SER A 222 11.98 -9.15 -14.85
C SER A 222 11.31 -7.90 -15.43
N THR A 223 11.47 -6.74 -14.77
CA THR A 223 10.94 -5.50 -15.36
C THR A 223 11.73 -5.12 -16.62
N LEU A 224 13.05 -5.26 -16.59
CA LEU A 224 13.83 -4.93 -17.77
C LEU A 224 13.61 -5.93 -18.90
N GLN A 225 13.34 -7.19 -18.56
CA GLN A 225 12.98 -8.15 -19.61
C GLN A 225 11.72 -7.75 -20.32
N SER A 226 10.70 -7.32 -19.58
CA SER A 226 9.48 -6.93 -20.24
C SER A 226 9.64 -5.63 -21.00
N LEU A 227 10.60 -4.79 -20.61
CA LEU A 227 10.96 -3.63 -21.40
C LEU A 227 11.93 -3.96 -22.52
N ASN A 228 12.43 -5.19 -22.57
CA ASN A 228 13.46 -5.61 -23.51
C ASN A 228 14.68 -4.69 -23.41
N MET A 229 15.21 -4.56 -22.21
CA MET A 229 16.38 -3.72 -22.00
C MET A 229 17.53 -4.49 -21.33
N VAL A 230 17.55 -5.81 -21.46
CA VAL A 230 18.58 -6.61 -20.85
C VAL A 230 19.12 -7.58 -21.89
N LYS A 231 20.45 -7.70 -21.94
CA LYS A 231 21.17 -8.73 -22.68
C LYS A 231 21.53 -9.85 -21.71
N TYR A 232 21.74 -11.05 -22.26
CA TYR A 232 22.28 -12.16 -21.48
C TYR A 232 23.67 -12.48 -22.02
N TRP A 233 24.63 -12.63 -21.11
CA TRP A 233 26.00 -12.96 -21.51
C TRP A 233 26.59 -13.90 -20.49
N LYS A 234 26.87 -15.13 -20.92
CA LYS A 234 27.52 -16.14 -20.10
C LYS A 234 26.89 -16.25 -18.72
N GLY A 235 25.55 -16.34 -18.70
CA GLY A 235 24.85 -16.58 -17.46
C GLY A 235 24.49 -15.35 -16.67
N GLN A 236 24.85 -14.16 -17.12
CA GLN A 236 24.57 -12.94 -16.37
C GLN A 236 23.67 -12.01 -17.17
N HIS A 237 22.63 -11.50 -16.50
CA HIS A 237 21.80 -10.45 -17.06
C HIS A 237 22.58 -9.14 -17.03
N VAL A 238 22.57 -8.43 -18.16
CA VAL A 238 23.37 -7.22 -18.37
C VAL A 238 22.49 -6.14 -18.99
N ILE A 239 22.66 -4.91 -18.54
CA ILE A 239 21.75 -3.84 -18.97
C ILE A 239 22.18 -3.36 -20.35
N CYS A 240 21.25 -3.42 -21.29
CA CYS A 240 21.51 -3.07 -22.68
C CYS A 240 20.45 -2.07 -23.12
N VAL A 241 20.75 -0.79 -22.95
CA VAL A 241 19.81 0.27 -23.31
C VAL A 241 20.59 1.49 -23.74
N THR A 242 20.03 2.21 -24.69
CA THR A 242 20.51 3.48 -25.20
C THR A 242 19.72 4.63 -24.59
N PRO A 243 20.39 5.74 -24.30
CA PRO A 243 19.70 6.88 -23.67
C PRO A 243 18.41 7.34 -24.36
N LYS A 244 18.26 7.10 -25.67
CA LYS A 244 17.03 7.51 -26.33
C LYS A 244 15.92 6.46 -26.19
N LEU A 245 16.28 5.18 -26.13
CA LEU A 245 15.28 4.13 -25.96
C LEU A 245 14.55 4.32 -24.62
N VAL A 246 15.28 4.74 -23.59
CA VAL A 246 14.70 5.03 -22.29
C VAL A 246 13.71 6.19 -22.40
N GLU A 247 14.13 7.27 -23.03
CA GLU A 247 13.26 8.43 -23.20
C GLU A 247 12.03 8.09 -24.04
N GLU A 248 12.18 7.20 -25.01
CA GLU A 248 11.02 6.75 -25.77
C GLU A 248 10.00 6.06 -24.87
N HIS A 249 10.45 5.20 -23.96
CA HIS A 249 9.52 4.53 -23.06
C HIS A 249 8.93 5.50 -22.05
N LEU A 250 9.71 6.48 -21.61
CA LEU A 250 9.24 7.36 -20.53
C LEU A 250 8.18 8.32 -21.04
N LYS A 251 8.50 9.09 -22.10
CA LYS A 251 7.54 10.08 -22.61
C LYS A 251 6.31 9.43 -23.25
N SER A 252 6.20 8.11 -23.20
CA SER A 252 5.01 7.44 -23.69
C SER A 252 3.87 7.60 -22.69
N ALA A 253 2.64 7.32 -23.18
CA ALA A 253 1.45 7.80 -22.49
C ALA A 253 1.28 7.17 -21.12
N GLN A 254 1.78 5.96 -20.92
CA GLN A 254 1.50 5.23 -19.69
C GLN A 254 2.37 5.67 -18.49
N TYR A 255 2.95 6.88 -18.53
CA TYR A 255 3.66 7.43 -17.38
C TYR A 255 3.36 8.92 -17.19
N LYS A 256 2.23 9.41 -17.73
CA LYS A 256 1.99 10.84 -17.85
C LYS A 256 1.15 11.42 -16.73
N LYS A 257 0.75 10.62 -15.73
CA LYS A 257 -0.04 11.17 -14.62
C LYS A 257 0.90 11.64 -13.51
N PRO A 258 0.73 12.87 -13.03
CA PRO A 258 1.69 13.43 -12.05
C PRO A 258 1.55 12.73 -10.71
N PRO A 259 2.60 12.09 -10.24
CA PRO A 259 2.50 11.33 -8.99
C PRO A 259 2.32 12.25 -7.80
N ILE A 260 1.68 11.71 -6.75
CA ILE A 260 1.91 12.17 -5.39
C ILE A 260 3.28 11.65 -4.99
N THR A 261 4.20 12.53 -4.69
CA THR A 261 5.55 12.05 -4.45
C THR A 261 5.79 11.81 -2.97
N VAL A 262 6.66 10.85 -2.69
CA VAL A 262 7.21 10.67 -1.36
C VAL A 262 8.39 11.63 -1.22
N ASP A 263 8.28 12.59 -0.31
CA ASP A 263 9.34 13.53 0.02
C ASP A 263 10.10 13.00 1.23
N SER A 264 11.30 12.48 1.00
CA SER A 264 12.08 11.92 2.10
C SER A 264 12.25 12.94 3.23
N VAL A 265 12.37 14.22 2.87
CA VAL A 265 12.45 15.29 3.87
C VAL A 265 11.33 15.15 4.90
N CYS A 266 10.14 14.78 4.46
CA CYS A 266 8.96 14.71 5.32
C CYS A 266 8.75 13.35 5.97
N LEU A 267 9.66 12.41 5.78
CA LEU A 267 9.52 11.06 6.34
C LEU A 267 10.33 11.01 7.62
N LYS A 268 9.66 11.12 8.75
CA LYS A 268 10.32 11.08 10.07
C LYS A 268 10.23 9.65 10.57
N TRP A 269 11.24 8.83 10.25
CA TRP A 269 11.20 7.43 10.62
C TRP A 269 12.61 6.90 10.81
N ALA A 270 12.86 6.27 11.95
CA ALA A 270 14.15 5.65 12.18
C ALA A 270 14.01 4.12 12.12
N PRO A 271 14.97 3.44 11.49
CA PRO A 271 14.95 1.95 11.43
C PRO A 271 15.32 1.31 12.77
N PRO A 272 14.50 0.36 13.27
CA PRO A 272 14.85 -0.34 14.52
C PRO A 272 15.42 -1.74 14.28
ZN ZN B . -14.85 5.71 15.85
NA NA C . -18.37 0.04 -5.03
C1 GOL D . -0.80 1.54 -13.40
O1 GOL D . -0.47 0.71 -14.49
C2 GOL D . -2.31 1.46 -13.32
O2 GOL D . -2.67 0.33 -14.08
C3 GOL D . -2.71 1.24 -11.89
O3 GOL D . -3.72 2.18 -11.58
C1 GOL E . 17.53 -11.54 -21.23
O1 GOL E . 17.23 -11.74 -19.86
C2 GOL E . 16.37 -12.10 -22.05
O2 GOL E . 15.15 -11.57 -21.63
C3 GOL E . 16.58 -11.83 -23.55
O3 GOL E . 15.63 -12.60 -24.27
S SO4 F . -15.32 10.19 -5.38
O1 SO4 F . -14.11 9.86 -4.62
O2 SO4 F . -14.99 11.26 -6.33
O3 SO4 F . -15.78 9.01 -6.12
O4 SO4 F . -16.40 10.64 -4.48
C13 O9J G . -6.27 -5.04 -4.24
C15 O9J G . -3.81 1.30 -6.89
C22 O9J G . -0.60 3.57 -9.64
C24 O9J G . 1.48 2.36 -9.59
C26 O9J G . 1.03 3.94 -11.38
C01 O9J G . -0.26 -1.76 -4.97
C02 O9J G . -1.75 -1.49 -5.19
C03 O9J G . -2.10 -0.31 -5.87
C05 O9J G . -3.45 0.02 -6.09
C06 O9J G . -4.44 -0.85 -5.64
C07 O9J G . -4.09 -2.03 -4.96
C08 O9J G . -2.74 -2.35 -4.72
C09 O9J G . -5.23 -2.91 -4.48
C11 O9J G . -7.27 -2.98 -3.42
C12 O9J G . -7.33 -4.36 -3.60
C14 O9J G . -5.18 -4.28 -4.70
C23 O9J G . 0.23 2.64 -9.02
C25 O9J G . 1.87 3.00 -10.77
C27 O9J G . -0.21 4.22 -10.80
F04 O9J G . -1.14 0.51 -6.29
N10 O9J G . -6.23 -2.32 -3.87
N17 O9J G . -3.02 1.54 -8.08
N18 O9J G . -3.22 2.65 -8.93
O16 O9J G . -4.74 2.02 -6.57
O20 O9J G . -2.79 5.15 -9.47
O21 O9J G . -1.98 4.38 -7.52
S19 O9J G . -2.21 3.96 -8.89
#